data_7LMW
#
_entry.id   7LMW
#
_cell.length_a   101.885
_cell.length_b   101.885
_cell.length_c   102.306
_cell.angle_alpha   90.000
_cell.angle_beta   90.000
_cell.angle_gamma   120.000
#
_symmetry.space_group_name_H-M   'P 62'
#
loop_
_entity.id
_entity.type
_entity.pdbx_description
1 polymer 'Advanced glycosylation end product-specific receptor'
2 non-polymer '7-methyl-3-(1~{H}-pyrazol-4-yl)-1~{H}-indole-2-carboxylic acid'
3 non-polymer 'ACETATE ION'
4 non-polymer 'CHLORIDE ION'
5 water water
#
_entity_poly.entity_id   1
_entity_poly.type   'polypeptide(L)'
_entity_poly.pdbx_seq_one_letter_code
;GAMAQNITARIGEPLVLKCKGAPKKPPQRLEWKLNTGRTEAWKVLSPQGGGPWDSVARVLPNGSLFLPAVGIQDEGIFRC
QAMNRNGKETKSNYRVRVYQIPGKPEIVDSASELTAGVPNKVGTCVSEGSYPAGTLSWHLDGKPLVPNEKGVSVKEQTRR
HPETGLFTLQSELMVTPARGGDPRPTFSCSFSPGLPRHRALRTAPIQPRVWE
;
_entity_poly.pdbx_strand_id   A,B
#
loop_
_chem_comp.id
_chem_comp.type
_chem_comp.name
_chem_comp.formula
ACT non-polymer 'ACETATE ION' 'C2 H3 O2 -1'
CL non-polymer 'CHLORIDE ION' 'Cl -1'
Y6P non-polymer '7-methyl-3-(1~{H}-pyrazol-4-yl)-1~{H}-indole-2-carboxylic acid' 'C13 H11 N3 O2'
#
# COMPACT_ATOMS: atom_id res chain seq x y z
N GLY A 1 -22.68 -11.30 -7.59
CA GLY A 1 -21.55 -11.32 -8.50
C GLY A 1 -20.69 -12.53 -8.21
N ALA A 2 -19.40 -12.44 -8.50
CA ALA A 2 -18.43 -13.50 -8.25
C ALA A 2 -17.57 -13.19 -7.01
N MET A 3 -16.74 -14.16 -6.64
CA MET A 3 -15.83 -13.99 -5.51
C MET A 3 -14.85 -12.88 -5.84
N ALA A 4 -14.75 -11.86 -4.98
CA ALA A 4 -13.87 -10.74 -5.26
C ALA A 4 -13.16 -10.35 -4.00
N GLN A 5 -12.08 -9.60 -4.17
CA GLN A 5 -11.48 -8.93 -3.02
C GLN A 5 -12.13 -7.54 -2.83
N ASN A 6 -12.56 -7.26 -1.61
CA ASN A 6 -13.21 -6.00 -1.28
C ASN A 6 -12.14 -4.93 -1.03
N ILE A 7 -12.21 -3.87 -1.80
CA ILE A 7 -11.33 -2.72 -1.71
C ILE A 7 -12.17 -1.54 -1.27
N THR A 8 -11.66 -0.78 -0.29
CA THR A 8 -12.25 0.46 0.17
C THR A 8 -11.26 1.58 -0.13
N ALA A 9 -11.65 2.50 -0.98
CA ALA A 9 -10.76 3.54 -1.46
C ALA A 9 -11.26 4.91 -1.03
N ARG A 10 -10.34 5.74 -0.56
CA ARG A 10 -10.67 7.06 -0.08
C ARG A 10 -10.83 8.06 -1.22
N ILE A 11 -11.90 8.86 -1.18
CA ILE A 11 -12.09 9.85 -2.23
C ILE A 11 -10.92 10.83 -2.23
N GLY A 12 -10.37 11.11 -3.42
CA GLY A 12 -9.29 12.04 -3.54
C GLY A 12 -7.90 11.44 -3.52
N GLU A 13 -7.74 10.13 -3.01
CA GLU A 13 -6.50 9.38 -2.92
C GLU A 13 -6.35 8.45 -4.12
N PRO A 14 -5.11 8.15 -4.52
CA PRO A 14 -4.89 7.20 -5.61
C PRO A 14 -5.30 5.79 -5.25
N LEU A 15 -5.56 4.99 -6.28
CA LEU A 15 -5.87 3.57 -6.12
C LEU A 15 -5.10 2.80 -7.18
N VAL A 16 -4.40 1.75 -6.75
CA VAL A 16 -3.69 0.85 -7.65
C VAL A 16 -4.29 -0.54 -7.44
N LEU A 17 -4.73 -1.18 -8.53
CA LEU A 17 -5.22 -2.55 -8.44
C LEU A 17 -4.31 -3.45 -9.27
N LYS A 18 -3.80 -4.49 -8.63
CA LYS A 18 -2.84 -5.38 -9.24
C LYS A 18 -3.59 -6.30 -10.21
N CYS A 19 -3.01 -6.54 -11.37
CA CYS A 19 -3.47 -7.59 -12.29
C CYS A 19 -2.64 -8.84 -12.01
N LYS A 20 -3.14 -9.68 -11.09
CA LYS A 20 -2.38 -10.85 -10.65
C LYS A 20 -2.10 -11.77 -11.82
N GLY A 21 -0.91 -12.38 -11.81
CA GLY A 21 -0.49 -13.27 -12.87
C GLY A 21 -0.02 -12.58 -14.12
N ALA A 22 0.23 -11.38 -14.07
CA ALA A 22 0.61 -10.81 -15.35
C ALA A 22 2.13 -10.71 -15.50
N PRO A 23 2.65 -10.64 -16.72
CA PRO A 23 4.09 -10.38 -16.87
C PRO A 23 4.48 -9.07 -16.19
N LYS A 24 5.68 -9.06 -15.61
CA LYS A 24 6.18 -7.94 -14.82
C LYS A 24 6.41 -6.70 -15.67
N LYS A 25 6.58 -6.85 -16.98
CA LYS A 25 6.87 -5.74 -17.86
C LYS A 25 6.23 -6.06 -19.19
N PRO A 26 5.95 -5.08 -20.03
CA PRO A 26 5.47 -5.34 -21.37
C PRO A 26 6.52 -6.13 -22.18
N PRO A 27 6.08 -7.02 -23.09
CA PRO A 27 4.72 -7.30 -23.59
C PRO A 27 3.88 -8.20 -22.68
N GLN A 28 2.58 -7.87 -22.56
CA GLN A 28 1.65 -8.59 -21.70
C GLN A 28 0.34 -8.76 -22.44
N ARG A 29 -0.25 -9.95 -22.37
CA ARG A 29 -1.58 -10.19 -22.92
C ARG A 29 -2.54 -10.04 -21.75
N LEU A 30 -3.05 -8.82 -21.54
CA LEU A 30 -3.99 -8.57 -20.45
C LEU A 30 -5.08 -7.59 -20.86
N GLU A 31 -6.16 -7.63 -20.08
CA GLU A 31 -7.34 -6.81 -20.29
C GLU A 31 -7.93 -6.43 -18.95
N TRP A 32 -8.27 -5.17 -18.80
CA TRP A 32 -9.00 -4.69 -17.63
C TRP A 32 -10.41 -4.40 -18.07
N LYS A 33 -11.36 -4.79 -17.22
CA LYS A 33 -12.78 -4.58 -17.41
C LYS A 33 -13.35 -3.92 -16.17
N LEU A 34 -14.08 -2.84 -16.34
CA LEU A 34 -14.60 -2.18 -15.15
C LEU A 34 -16.04 -1.80 -15.42
N ASN A 35 -16.83 -1.88 -14.37
CA ASN A 35 -18.22 -1.44 -14.42
C ASN A 35 -18.43 -0.58 -13.20
N THR A 36 -18.49 0.74 -13.42
CA THR A 36 -18.68 1.68 -12.31
C THR A 36 -19.73 2.70 -12.70
N GLY A 37 -19.88 3.71 -11.85
CA GLY A 37 -20.74 4.83 -12.15
C GLY A 37 -20.28 5.65 -13.35
N ARG A 38 -19.07 5.44 -13.85
CA ARG A 38 -18.60 6.09 -15.06
C ARG A 38 -18.91 5.28 -16.31
N THR A 39 -19.58 4.15 -16.16
CA THR A 39 -19.69 3.24 -17.30
C THR A 39 -21.13 2.86 -17.46
N GLU A 40 -21.45 2.56 -18.70
CA GLU A 40 -22.68 1.88 -19.07
C GLU A 40 -22.27 0.42 -19.23
N ALA A 41 -22.58 -0.40 -18.21
CA ALA A 41 -22.15 -1.82 -18.14
C ALA A 41 -20.61 -1.88 -18.20
N TRP A 42 -20.01 -2.83 -18.88
CA TRP A 42 -18.56 -3.00 -18.81
C TRP A 42 -17.83 -2.05 -19.75
N LYS A 43 -16.71 -1.52 -19.26
CA LYS A 43 -15.80 -0.79 -20.12
C LYS A 43 -14.43 -1.47 -20.07
N VAL A 44 -13.85 -1.72 -21.24
CA VAL A 44 -12.61 -2.45 -21.39
C VAL A 44 -11.48 -1.44 -21.53
N LEU A 45 -10.46 -1.56 -20.70
CA LEU A 45 -9.27 -0.72 -20.76
C LEU A 45 -8.06 -1.53 -21.21
N SER A 46 -7.33 -1.03 -22.18
CA SER A 46 -6.18 -1.75 -22.72
C SER A 46 -4.87 -1.14 -22.25
N PRO A 47 -3.77 -1.89 -22.26
CA PRO A 47 -2.49 -1.25 -21.95
C PRO A 47 -2.17 -0.09 -22.89
N GLN A 48 -2.66 -0.10 -24.14
CA GLN A 48 -2.33 1.01 -25.04
C GLN A 48 -3.03 2.30 -24.61
N GLY A 49 -4.17 2.21 -23.93
CA GLY A 49 -4.77 3.43 -23.42
C GLY A 49 -5.40 4.29 -24.50
N GLY A 50 -5.51 5.58 -24.22
CA GLY A 50 -6.11 6.43 -25.23
C GLY A 50 -7.50 6.89 -24.84
N GLY A 51 -7.90 8.00 -25.43
CA GLY A 51 -9.26 8.48 -25.30
C GLY A 51 -9.47 9.13 -23.97
N PRO A 52 -10.72 9.45 -23.65
CA PRO A 52 -10.98 10.19 -22.42
C PRO A 52 -10.57 9.45 -21.16
N TRP A 53 -10.59 8.12 -21.19
CA TRP A 53 -10.29 7.35 -19.99
C TRP A 53 -8.86 7.59 -19.50
N ASP A 54 -8.01 8.17 -20.35
CA ASP A 54 -6.64 8.48 -19.91
C ASP A 54 -6.58 9.53 -18.81
N SER A 55 -7.65 10.34 -18.62
CA SER A 55 -7.69 11.31 -17.53
C SER A 55 -8.20 10.69 -16.23
N VAL A 56 -8.57 9.40 -16.26
CA VAL A 56 -9.24 8.75 -15.16
C VAL A 56 -8.48 7.53 -14.70
N ALA A 57 -8.16 6.63 -15.61
CA ALA A 57 -7.54 5.39 -15.22
C ALA A 57 -6.64 4.93 -16.34
N ARG A 58 -5.43 4.50 -15.97
CA ARG A 58 -4.43 4.02 -16.94
C ARG A 58 -3.83 2.72 -16.46
N VAL A 59 -3.40 1.91 -17.41
CA VAL A 59 -2.72 0.66 -17.09
C VAL A 59 -1.22 0.92 -17.01
N LEU A 60 -0.62 0.51 -15.88
CA LEU A 60 0.81 0.75 -15.62
C LEU A 60 1.69 -0.25 -16.36
N PRO A 61 2.99 0.08 -16.52
CA PRO A 61 3.89 -0.89 -17.17
C PRO A 61 3.82 -2.28 -16.58
N ASN A 62 3.58 -2.42 -15.28
CA ASN A 62 3.46 -3.76 -14.72
C ASN A 62 2.06 -4.31 -14.84
N GLY A 63 1.16 -3.65 -15.59
CA GLY A 63 -0.17 -4.16 -15.80
C GLY A 63 -1.21 -3.82 -14.74
N SER A 64 -0.81 -3.16 -13.66
CA SER A 64 -1.77 -2.69 -12.69
C SER A 64 -2.61 -1.56 -13.28
N LEU A 65 -3.81 -1.41 -12.75
CA LEU A 65 -4.65 -0.28 -13.09
C LEU A 65 -4.45 0.81 -12.04
N PHE A 66 -4.25 2.05 -12.50
CA PHE A 66 -3.96 3.16 -11.60
C PHE A 66 -5.03 4.26 -11.76
N LEU A 67 -5.58 4.71 -10.65
CA LEU A 67 -6.52 5.84 -10.61
C LEU A 67 -5.90 6.91 -9.74
N PRO A 68 -5.44 8.02 -10.34
CA PRO A 68 -4.79 9.09 -9.56
C PRO A 68 -5.63 9.65 -8.41
N ALA A 69 -6.92 9.87 -8.62
CA ALA A 69 -7.80 10.39 -7.59
C ALA A 69 -9.16 9.70 -7.66
N VAL A 70 -9.44 8.81 -6.71
CA VAL A 70 -10.71 8.11 -6.67
C VAL A 70 -11.83 9.09 -6.35
N GLY A 71 -12.94 9.00 -7.09
CA GLY A 71 -14.15 9.75 -6.82
C GLY A 71 -15.36 8.86 -6.64
N ILE A 72 -16.48 9.49 -6.24
CA ILE A 72 -17.70 8.75 -5.92
C ILE A 72 -18.11 7.83 -7.06
N GLN A 73 -17.92 8.30 -8.31
CA GLN A 73 -18.34 7.56 -9.50
C GLN A 73 -17.46 6.34 -9.81
N ASP A 74 -16.37 6.13 -9.08
CA ASP A 74 -15.54 4.95 -9.33
C ASP A 74 -15.96 3.76 -8.50
N GLU A 75 -17.00 3.87 -7.65
CA GLU A 75 -17.56 2.68 -7.00
C GLU A 75 -17.96 1.64 -8.03
N GLY A 76 -17.65 0.37 -7.76
CA GLY A 76 -18.08 -0.67 -8.71
C GLY A 76 -17.13 -1.86 -8.70
N ILE A 77 -16.96 -2.46 -9.88
CA ILE A 77 -16.26 -3.71 -10.03
C ILE A 77 -15.15 -3.52 -11.05
N PHE A 78 -13.96 -4.01 -10.72
CA PHE A 78 -12.78 -3.89 -11.58
C PHE A 78 -12.21 -5.28 -11.73
N ARG A 79 -11.99 -5.69 -12.96
CA ARG A 79 -11.58 -7.04 -13.28
C ARG A 79 -10.37 -7.05 -14.19
N CYS A 80 -9.44 -7.96 -13.92
CA CYS A 80 -8.31 -8.14 -14.81
C CYS A 80 -8.25 -9.60 -15.22
N GLN A 81 -7.78 -9.80 -16.44
CA GLN A 81 -7.56 -11.12 -17.01
C GLN A 81 -6.20 -11.09 -17.71
N ALA A 82 -5.31 -12.05 -17.40
CA ALA A 82 -3.95 -12.02 -17.94
C ALA A 82 -3.47 -13.41 -18.32
N MET A 83 -2.48 -13.46 -19.22
CA MET A 83 -1.74 -14.65 -19.65
C MET A 83 -0.26 -14.54 -19.27
N ASN A 84 0.34 -15.67 -18.87
CA ASN A 84 1.79 -15.71 -18.63
C ASN A 84 2.57 -15.86 -19.92
N ARG A 85 3.91 -15.86 -19.79
CA ARG A 85 4.74 -16.40 -20.86
C ARG A 85 4.48 -17.91 -20.98
N ASN A 86 4.29 -18.57 -19.83
CA ASN A 86 3.88 -19.98 -19.79
C ASN A 86 2.61 -20.21 -20.60
N GLY A 87 1.55 -19.44 -20.34
CA GLY A 87 0.31 -19.56 -21.07
C GLY A 87 -0.93 -19.63 -20.19
N LYS A 88 -0.72 -19.68 -18.88
CA LYS A 88 -1.85 -19.78 -17.95
C LYS A 88 -2.61 -18.45 -17.88
N GLU A 89 -3.94 -18.54 -17.83
CA GLU A 89 -4.79 -17.38 -17.62
C GLU A 89 -5.02 -17.17 -16.12
N THR A 90 -4.86 -15.94 -15.67
CA THR A 90 -5.15 -15.56 -14.30
C THR A 90 -6.17 -14.42 -14.32
N LYS A 91 -7.12 -14.50 -13.39
CA LYS A 91 -8.21 -13.55 -13.28
C LYS A 91 -8.09 -12.84 -11.93
N SER A 92 -8.44 -11.54 -11.89
CA SER A 92 -8.43 -10.76 -10.66
C SER A 92 -9.71 -9.97 -10.59
N ASN A 93 -10.36 -9.97 -9.42
CA ASN A 93 -11.70 -9.45 -9.30
C ASN A 93 -11.79 -8.61 -8.04
N TYR A 94 -12.18 -7.32 -8.21
CA TYR A 94 -12.20 -6.37 -7.11
C TYR A 94 -13.56 -5.66 -7.02
N ARG A 95 -14.10 -5.57 -5.80
CA ARG A 95 -15.30 -4.80 -5.51
C ARG A 95 -14.83 -3.54 -4.79
N VAL A 96 -14.84 -2.42 -5.49
CA VAL A 96 -14.30 -1.16 -4.99
C VAL A 96 -15.46 -0.34 -4.40
N ARG A 97 -15.36 0.03 -3.13
CA ARG A 97 -16.29 0.94 -2.49
C ARG A 97 -15.48 2.12 -2.01
N VAL A 98 -16.03 3.32 -2.17
CA VAL A 98 -15.30 4.56 -1.89
C VAL A 98 -15.83 5.17 -0.62
N TYR A 99 -15.03 6.04 -0.02
CA TYR A 99 -15.43 6.59 1.27
C TYR A 99 -14.73 7.92 1.50
N GLN A 100 -15.31 8.73 2.38
CA GLN A 100 -14.58 9.91 2.84
C GLN A 100 -14.83 10.09 4.31
N ILE A 101 -13.78 10.42 5.03
CA ILE A 101 -13.90 10.68 6.47
C ILE A 101 -14.33 12.12 6.67
N PRO A 102 -15.40 12.38 7.42
CA PRO A 102 -15.81 13.76 7.65
C PRO A 102 -14.84 14.37 8.63
N GLY A 103 -14.96 15.71 8.79
CA GLY A 103 -14.22 16.39 9.83
C GLY A 103 -14.71 15.96 11.21
N LYS A 104 -13.95 16.35 12.23
CA LYS A 104 -14.30 16.03 13.60
C LYS A 104 -15.72 16.51 13.89
N PRO A 105 -16.58 15.69 14.46
CA PRO A 105 -17.93 16.17 14.79
C PRO A 105 -17.86 17.28 15.82
N GLU A 106 -18.88 18.13 15.81
CA GLU A 106 -18.97 19.29 16.66
C GLU A 106 -20.36 19.36 17.26
N ILE A 107 -20.43 19.62 18.55
CA ILE A 107 -21.69 19.96 19.20
C ILE A 107 -21.89 21.46 19.09
N VAL A 108 -22.98 21.88 18.48
CA VAL A 108 -23.34 23.29 18.40
C VAL A 108 -24.62 23.52 19.21
N ASP A 109 -24.88 24.77 19.56
CA ASP A 109 -26.08 25.17 20.28
C ASP A 109 -26.47 24.18 21.40
N SER A 110 -25.56 23.97 22.35
CA SER A 110 -25.87 23.10 23.49
C SER A 110 -26.57 23.86 24.61
N ALA A 111 -27.39 23.16 25.38
CA ALA A 111 -28.06 23.74 26.54
C ALA A 111 -27.13 23.77 27.75
N SER A 112 -27.21 24.85 28.53
CA SER A 112 -26.44 24.97 29.76
C SER A 112 -27.17 24.40 30.98
N GLU A 113 -28.48 24.24 30.89
CA GLU A 113 -29.32 23.98 32.06
C GLU A 113 -30.48 23.11 31.62
N LEU A 114 -30.57 21.90 32.18
CA LEU A 114 -31.69 20.99 31.95
C LEU A 114 -32.55 20.96 33.21
N THR A 115 -33.83 20.70 33.02
CA THR A 115 -34.78 20.56 34.11
C THR A 115 -35.28 19.13 34.12
N ALA A 116 -35.00 18.40 35.21
CA ALA A 116 -35.39 17.00 35.28
C ALA A 116 -36.91 16.89 35.26
N GLY A 117 -37.42 15.84 34.62
CA GLY A 117 -38.85 15.59 34.62
C GLY A 117 -39.60 16.09 33.39
N VAL A 118 -39.01 16.99 32.62
CA VAL A 118 -39.61 17.49 31.38
C VAL A 118 -38.64 17.18 30.25
N PRO A 119 -39.11 17.20 29.01
CA PRO A 119 -38.19 17.06 27.86
C PRO A 119 -37.31 18.30 27.71
N ASN A 120 -36.03 18.09 27.41
CA ASN A 120 -35.06 19.18 27.28
C ASN A 120 -34.26 19.04 25.99
N LYS A 121 -34.15 20.13 25.25
CA LYS A 121 -33.24 20.16 24.10
C LYS A 121 -31.80 20.22 24.62
N VAL A 122 -31.02 19.16 24.40
CA VAL A 122 -29.65 19.09 24.93
C VAL A 122 -28.68 19.78 24.00
N GLY A 123 -28.76 19.47 22.71
CA GLY A 123 -27.84 20.09 21.79
C GLY A 123 -28.06 19.58 20.39
N THR A 124 -27.20 20.06 19.51
CA THR A 124 -27.21 19.75 18.09
C THR A 124 -25.80 19.40 17.69
N CYS A 125 -25.66 18.27 17.01
CA CYS A 125 -24.37 17.77 16.58
C CYS A 125 -24.28 17.75 15.06
N VAL A 126 -23.12 18.17 14.55
CA VAL A 126 -22.88 18.36 13.12
C VAL A 126 -21.59 17.68 12.72
N SER A 127 -21.67 16.90 11.63
CA SER A 127 -20.59 16.24 10.94
C SER A 127 -20.58 16.71 9.48
N GLU A 128 -19.43 17.11 8.95
CA GLU A 128 -19.36 17.60 7.56
C GLU A 128 -18.38 16.77 6.75
N GLY A 129 -18.86 16.26 5.63
CA GLY A 129 -17.98 15.78 4.61
C GLY A 129 -17.76 14.30 4.59
N SER A 130 -18.75 13.50 4.92
CA SER A 130 -18.59 12.06 4.89
C SER A 130 -19.15 11.50 3.58
N TYR A 131 -18.61 10.35 3.19
CA TYR A 131 -19.21 9.55 2.18
C TYR A 131 -18.93 8.11 2.59
N PRO A 132 -19.94 7.22 2.61
CA PRO A 132 -21.41 7.37 2.58
C PRO A 132 -21.83 8.17 3.78
N ALA A 133 -23.11 8.49 3.91
CA ALA A 133 -23.57 9.43 4.95
C ALA A 133 -23.05 9.08 6.34
N GLY A 134 -23.26 7.85 6.78
CA GLY A 134 -22.94 7.52 8.14
C GLY A 134 -24.05 8.02 9.03
N THR A 135 -23.82 7.92 10.34
CA THR A 135 -24.82 8.29 11.33
C THR A 135 -24.14 8.97 12.51
N LEU A 136 -24.89 9.84 13.15
CA LEU A 136 -24.51 10.47 14.40
C LEU A 136 -25.26 9.76 15.50
N SER A 137 -24.58 9.54 16.63
CA SER A 137 -25.18 8.94 17.83
C SER A 137 -24.74 9.73 19.07
N TRP A 138 -25.55 9.65 20.10
CA TRP A 138 -25.28 10.39 21.31
C TRP A 138 -24.86 9.47 22.46
N HIS A 139 -24.07 10.02 23.38
CA HIS A 139 -23.56 9.28 24.53
C HIS A 139 -23.80 10.05 25.82
N LEU A 140 -24.12 9.34 26.89
CA LEU A 140 -24.30 9.92 28.23
C LEU A 140 -23.34 9.24 29.20
N ASP A 141 -22.30 9.98 29.62
CA ASP A 141 -21.25 9.54 30.54
C ASP A 141 -20.41 8.41 29.95
N GLY A 142 -20.51 8.17 28.64
CA GLY A 142 -19.87 7.04 27.97
C GLY A 142 -20.85 5.97 27.53
N LYS A 143 -22.01 5.85 28.19
CA LYS A 143 -23.03 4.89 27.77
C LYS A 143 -23.78 5.43 26.54
N PRO A 144 -24.07 4.57 25.56
CA PRO A 144 -24.77 5.05 24.37
C PRO A 144 -26.21 5.38 24.71
N LEU A 145 -26.70 6.47 24.13
CA LEU A 145 -28.08 6.90 24.32
C LEU A 145 -28.95 6.35 23.20
N VAL A 146 -29.95 5.53 23.56
CA VAL A 146 -30.79 4.91 22.53
C VAL A 146 -32.05 5.75 22.31
N PRO A 147 -32.36 6.12 21.07
CA PRO A 147 -33.58 6.91 20.82
C PRO A 147 -34.84 6.08 21.02
N ASN A 148 -35.95 6.77 21.27
CA ASN A 148 -37.22 6.13 21.55
C ASN A 148 -37.04 5.14 22.69
N GLU A 149 -36.69 5.69 23.85
CA GLU A 149 -36.40 4.86 25.00
C GLU A 149 -36.76 5.65 26.25
N LYS A 150 -35.77 5.84 27.11
CA LYS A 150 -35.95 6.51 28.41
C LYS A 150 -36.04 8.03 28.21
N GLY A 151 -37.20 8.48 27.70
CA GLY A 151 -37.38 9.90 27.43
C GLY A 151 -36.35 10.47 26.48
N VAL A 152 -35.68 9.62 25.71
CA VAL A 152 -34.68 10.01 24.74
C VAL A 152 -35.33 10.10 23.37
N SER A 153 -35.25 11.28 22.77
CA SER A 153 -35.71 11.55 21.41
C SER A 153 -34.54 12.10 20.61
N VAL A 154 -34.32 11.56 19.41
CA VAL A 154 -33.31 12.04 18.48
C VAL A 154 -34.02 12.34 17.17
N LYS A 155 -33.70 13.48 16.58
CA LYS A 155 -34.09 13.80 15.22
C LYS A 155 -32.83 14.05 14.41
N GLU A 156 -32.84 13.66 13.13
CA GLU A 156 -31.65 13.77 12.30
C GLU A 156 -32.00 14.30 10.93
N GLN A 157 -30.97 14.83 10.29
CA GLN A 157 -31.05 15.51 9.02
C GLN A 157 -29.78 15.25 8.23
N THR A 158 -29.94 14.86 6.97
CA THR A 158 -28.86 14.63 6.02
C THR A 158 -28.99 15.61 4.87
N ARG A 159 -27.88 16.28 4.53
CA ARG A 159 -27.77 17.18 3.40
C ARG A 159 -26.58 16.77 2.54
N ARG A 160 -26.67 17.03 1.26
CA ARG A 160 -25.64 16.63 0.32
C ARG A 160 -25.01 17.91 -0.23
N HIS A 161 -23.68 17.96 -0.28
CA HIS A 161 -23.02 19.10 -0.91
C HIS A 161 -23.36 19.12 -2.39
N PRO A 162 -23.79 20.25 -2.95
CA PRO A 162 -24.31 20.22 -4.32
C PRO A 162 -23.28 19.84 -5.37
N GLU A 163 -21.98 19.97 -5.10
CA GLU A 163 -20.98 19.63 -6.10
C GLU A 163 -20.12 18.42 -5.75
N THR A 164 -19.69 18.25 -4.50
CA THR A 164 -18.83 17.11 -4.15
C THR A 164 -19.61 15.86 -3.82
N GLY A 165 -20.91 15.98 -3.53
CA GLY A 165 -21.67 14.81 -3.14
C GLY A 165 -21.44 14.35 -1.72
N LEU A 166 -20.62 15.05 -0.94
CA LEU A 166 -20.30 14.62 0.41
C LEU A 166 -21.42 15.05 1.35
N PHE A 167 -21.63 14.26 2.40
CA PHE A 167 -22.81 14.42 3.24
C PHE A 167 -22.49 15.22 4.47
N THR A 168 -23.43 16.06 4.88
CA THR A 168 -23.39 16.76 6.15
C THR A 168 -24.55 16.27 6.99
N LEU A 169 -24.26 15.84 8.21
CA LEU A 169 -25.30 15.31 9.09
C LEU A 169 -25.50 16.24 10.26
N GLN A 170 -26.76 16.35 10.69
CA GLN A 170 -27.15 17.14 11.84
C GLN A 170 -28.09 16.30 12.70
N SER A 171 -27.77 16.20 13.98
CA SER A 171 -28.56 15.42 14.92
C SER A 171 -28.97 16.29 16.11
N GLU A 172 -30.25 16.27 16.46
CA GLU A 172 -30.78 17.01 17.60
C GLU A 172 -31.19 16.04 18.68
N LEU A 173 -30.69 16.25 19.89
CA LEU A 173 -30.94 15.34 21.01
C LEU A 173 -31.83 16.01 22.02
N MET A 174 -32.89 15.32 22.42
CA MET A 174 -33.79 15.73 23.48
C MET A 174 -33.85 14.64 24.53
N VAL A 175 -33.60 14.99 25.79
CA VAL A 175 -33.73 14.05 26.89
C VAL A 175 -34.71 14.59 27.92
N THR A 176 -35.35 13.66 28.64
CA THR A 176 -36.10 13.95 29.85
C THR A 176 -35.32 13.39 31.03
N PRO A 177 -34.55 14.21 31.75
CA PRO A 177 -33.70 13.65 32.81
C PRO A 177 -34.54 13.23 34.00
N ALA A 178 -34.04 12.23 34.71
CA ALA A 178 -34.79 11.62 35.81
C ALA A 178 -34.51 12.35 37.12
N ARG A 179 -35.58 12.62 37.87
CA ARG A 179 -35.42 13.25 39.18
C ARG A 179 -34.56 12.37 40.07
N GLY A 180 -33.52 12.93 40.65
CA GLY A 180 -32.59 12.15 41.46
C GLY A 180 -31.36 11.61 40.75
N GLY A 181 -31.03 12.10 39.55
CA GLY A 181 -29.89 11.64 38.79
C GLY A 181 -28.66 12.51 38.98
N ASP A 182 -27.61 12.21 38.19
CA ASP A 182 -26.40 13.05 38.16
C ASP A 182 -26.76 14.49 37.83
N PRO A 183 -26.57 15.45 38.76
CA PRO A 183 -26.91 16.84 38.43
C PRO A 183 -25.90 17.51 37.50
N ARG A 184 -24.83 16.82 37.14
CA ARG A 184 -23.89 17.30 36.12
C ARG A 184 -23.57 16.15 35.17
N PRO A 185 -24.52 15.79 34.28
CA PRO A 185 -24.28 14.70 33.34
C PRO A 185 -23.36 15.14 32.20
N THR A 186 -22.78 14.15 31.54
CA THR A 186 -21.86 14.41 30.46
C THR A 186 -22.40 13.81 29.16
N PHE A 187 -22.64 14.64 28.16
CA PHE A 187 -23.13 14.21 26.85
C PHE A 187 -22.07 14.41 25.77
N SER A 188 -21.89 13.39 24.91
CA SER A 188 -21.03 13.52 23.75
C SER A 188 -21.76 13.07 22.49
N CYS A 189 -21.17 13.40 21.36
CA CYS A 189 -21.69 12.98 20.08
C CYS A 189 -20.58 12.31 19.29
N SER A 190 -20.91 11.22 18.62
CA SER A 190 -19.91 10.49 17.87
C SER A 190 -20.45 10.20 16.47
N PHE A 191 -19.55 10.21 15.50
CA PHE A 191 -19.85 9.83 14.12
C PHE A 191 -19.34 8.41 13.90
N SER A 192 -20.17 7.56 13.28
CA SER A 192 -19.80 6.18 12.91
C SER A 192 -19.96 5.98 11.40
N PRO A 193 -18.94 5.46 10.69
CA PRO A 193 -19.02 5.17 9.24
C PRO A 193 -19.95 4.00 8.94
N HIS A 198 -13.58 1.17 10.09
CA HIS A 198 -13.15 2.54 10.41
C HIS A 198 -13.55 2.93 11.84
N ARG A 199 -12.67 3.63 12.55
CA ARG A 199 -12.90 3.98 13.95
C ARG A 199 -13.95 5.08 14.05
N ALA A 200 -14.34 5.43 15.27
CA ALA A 200 -15.34 6.47 15.50
C ALA A 200 -14.70 7.81 15.91
N LEU A 201 -15.32 8.90 15.47
CA LEU A 201 -14.92 10.27 15.81
C LEU A 201 -15.90 10.78 16.85
N ARG A 202 -15.38 11.22 18.02
CA ARG A 202 -16.19 11.67 19.15
C ARG A 202 -16.02 13.18 19.33
N THR A 203 -17.07 13.84 19.85
CA THR A 203 -16.97 15.28 20.11
C THR A 203 -16.37 15.53 21.48
N ALA A 204 -16.11 16.80 21.72
CA ALA A 204 -15.89 17.27 23.07
C ALA A 204 -17.18 17.13 23.88
N PRO A 205 -17.14 16.58 25.08
CA PRO A 205 -18.36 16.43 25.88
C PRO A 205 -18.92 17.77 26.35
N ILE A 206 -20.24 17.81 26.52
CA ILE A 206 -20.92 18.92 27.16
C ILE A 206 -21.45 18.46 28.51
N GLN A 207 -21.32 19.34 29.52
CA GLN A 207 -21.66 19.00 30.90
C GLN A 207 -22.66 20.02 31.42
N PRO A 208 -23.93 19.90 31.03
CA PRO A 208 -24.93 20.82 31.55
C PRO A 208 -25.23 20.48 32.99
N ARG A 209 -26.07 21.30 33.59
CA ARG A 209 -26.50 21.16 34.97
C ARG A 209 -28.01 20.99 35.00
N VAL A 210 -28.51 20.18 35.94
CA VAL A 210 -29.92 19.82 36.02
C VAL A 210 -30.52 20.33 37.34
N TRP A 211 -31.60 21.15 37.29
CA TRP A 211 -32.62 20.89 38.30
C TRP A 211 -32.98 19.46 38.45
N GLU A 212 -32.65 18.95 39.64
CA GLU A 212 -33.53 18.10 40.36
C GLU A 212 -34.57 18.83 41.26
N GLY B 1 22.58 11.89 6.44
CA GLY B 1 21.51 12.84 6.23
C GLY B 1 20.74 13.14 7.49
N ALA B 2 19.45 13.43 7.29
CA ALA B 2 18.46 13.71 8.32
C ALA B 2 17.61 12.44 8.54
N MET B 3 16.74 12.50 9.55
CA MET B 3 15.85 11.40 9.89
C MET B 3 14.87 11.16 8.75
N ALA B 4 14.81 9.92 8.25
CA ALA B 4 13.98 9.62 7.10
C ALA B 4 13.26 8.31 7.33
N GLN B 5 12.17 8.12 6.60
CA GLN B 5 11.55 6.82 6.51
C GLN B 5 12.16 6.03 5.33
N ASN B 6 12.60 4.81 5.60
CA ASN B 6 13.19 3.99 4.55
C ASN B 6 12.10 3.25 3.78
N ILE B 7 12.13 3.43 2.46
CA ILE B 7 11.22 2.82 1.51
C ILE B 7 12.03 1.87 0.64
N THR B 8 11.53 0.66 0.43
CA THR B 8 12.14 -0.31 -0.47
C THR B 8 11.16 -0.53 -1.60
N ALA B 9 11.55 -0.13 -2.81
CA ALA B 9 10.66 -0.15 -3.96
C ALA B 9 11.18 -1.16 -4.97
N ARG B 10 10.27 -1.98 -5.50
CA ARG B 10 10.61 -3.03 -6.44
C ARG B 10 10.75 -2.46 -7.85
N ILE B 11 11.83 -2.84 -8.55
CA ILE B 11 12.01 -2.34 -9.91
C ILE B 11 10.82 -2.79 -10.76
N GLY B 12 10.26 -1.87 -11.54
CA GLY B 12 9.16 -2.17 -12.39
C GLY B 12 7.79 -1.91 -11.82
N GLU B 13 7.66 -1.79 -10.41
CA GLU B 13 6.41 -1.52 -9.73
C GLU B 13 6.26 -0.02 -9.45
N PRO B 14 5.02 0.45 -9.39
CA PRO B 14 4.79 1.86 -9.04
C PRO B 14 5.20 2.13 -7.60
N LEU B 15 5.48 3.40 -7.34
CA LEU B 15 5.81 3.88 -6.01
C LEU B 15 5.01 5.17 -5.80
N VAL B 16 4.35 5.28 -4.66
CA VAL B 16 3.65 6.50 -4.24
C VAL B 16 4.24 6.95 -2.91
N LEU B 17 4.64 8.22 -2.82
CA LEU B 17 5.13 8.76 -1.56
C LEU B 17 4.22 9.90 -1.11
N LYS B 18 3.73 9.79 0.12
CA LYS B 18 2.76 10.72 0.66
C LYS B 18 3.48 12.01 1.02
N CYS B 19 2.90 13.15 0.67
CA CYS B 19 3.38 14.42 1.20
C CYS B 19 2.56 14.75 2.45
N LYS B 20 3.08 14.31 3.61
CA LYS B 20 2.36 14.40 4.88
C LYS B 20 2.01 15.86 5.20
N GLY B 21 0.82 16.06 5.75
CA GLY B 21 0.34 17.38 6.06
C GLY B 21 -0.14 18.16 4.86
N ALA B 22 -0.33 17.55 3.80
CA ALA B 22 -0.76 18.46 2.75
C ALA B 22 -2.28 18.47 2.62
N PRO B 23 -2.88 19.53 2.08
CA PRO B 23 -4.31 19.48 1.77
C PRO B 23 -4.64 18.36 0.81
N LYS B 24 -5.81 17.74 1.03
CA LYS B 24 -6.24 16.58 0.29
C LYS B 24 -6.50 16.88 -1.19
N LYS B 25 -6.72 18.13 -1.53
CA LYS B 25 -7.05 18.51 -2.89
C LYS B 25 -6.42 19.85 -3.17
N PRO B 26 -6.15 20.19 -4.42
CA PRO B 26 -5.69 21.55 -4.75
C PRO B 26 -6.74 22.56 -4.38
N PRO B 27 -6.33 23.80 -4.02
CA PRO B 27 -4.98 24.40 -4.07
C PRO B 27 -4.06 23.97 -2.91
N GLN B 28 -2.78 23.74 -3.19
CA GLN B 28 -1.81 23.24 -2.21
C GLN B 28 -0.51 24.01 -2.36
N ARG B 29 0.05 24.43 -1.23
CA ARG B 29 1.36 25.06 -1.22
C ARG B 29 2.36 23.95 -0.86
N LEU B 30 2.88 23.25 -1.87
CA LEU B 30 3.84 22.19 -1.59
C LEU B 30 4.94 22.09 -2.64
N GLU B 31 6.02 21.43 -2.25
CA GLU B 31 7.19 21.26 -3.08
C GLU B 31 7.77 19.89 -2.84
N TRP B 32 8.12 19.20 -3.91
CA TRP B 32 8.87 17.95 -3.83
C TRP B 32 10.28 18.23 -4.30
N LYS B 33 11.25 17.69 -3.58
CA LYS B 33 12.66 17.81 -3.93
C LYS B 33 13.23 16.39 -3.91
N LEU B 34 13.94 16.02 -4.96
CA LEU B 34 14.48 14.67 -5.00
C LEU B 34 15.91 14.74 -5.51
N ASN B 35 16.71 13.83 -4.98
CA ASN B 35 18.09 13.67 -5.40
C ASN B 35 18.30 12.18 -5.62
N THR B 36 18.36 11.76 -6.89
CA THR B 36 18.50 10.34 -7.24
C THR B 36 19.55 10.22 -8.34
N GLY B 37 19.69 9.02 -8.89
CA GLY B 37 20.54 8.83 -10.04
C GLY B 37 20.08 9.54 -11.28
N ARG B 38 18.85 10.07 -11.31
CA ARG B 38 18.34 10.85 -12.43
C ARG B 38 18.65 12.32 -12.31
N THR B 39 19.35 12.74 -11.25
CA THR B 39 19.46 14.16 -10.95
C THR B 39 20.90 14.50 -10.69
N GLU B 40 21.21 15.74 -10.98
CA GLU B 40 22.44 16.38 -10.53
C GLU B 40 22.05 17.12 -9.27
N ALA B 41 22.33 16.52 -8.13
CA ALA B 41 21.95 17.09 -6.81
C ALA B 41 20.41 17.23 -6.72
N TRP B 42 19.85 18.27 -6.12
CA TRP B 42 18.40 18.27 -5.91
C TRP B 42 17.64 18.71 -7.15
N LYS B 43 16.55 18.00 -7.44
CA LYS B 43 15.63 18.42 -8.47
C LYS B 43 14.24 18.68 -7.84
N VAL B 44 13.66 19.83 -8.15
CA VAL B 44 12.41 20.29 -7.58
C VAL B 44 11.27 19.95 -8.54
N LEU B 45 10.26 19.26 -8.05
CA LEU B 45 9.06 18.95 -8.81
C LEU B 45 7.86 19.70 -8.23
N SER B 46 7.11 20.36 -9.09
CA SER B 46 5.96 21.15 -8.66
C SER B 46 4.66 20.45 -9.01
N PRO B 47 3.55 20.79 -8.33
CA PRO B 47 2.26 20.21 -8.75
C PRO B 47 1.92 20.50 -10.20
N GLN B 48 2.40 21.63 -10.76
CA GLN B 48 2.07 21.93 -12.16
C GLN B 48 2.73 20.95 -13.13
N GLY B 49 3.88 20.37 -12.77
CA GLY B 49 4.44 19.38 -13.65
C GLY B 49 5.08 19.97 -14.89
N GLY B 50 5.17 19.16 -15.92
CA GLY B 50 5.76 19.69 -17.13
C GLY B 50 7.15 19.11 -17.39
N GLY B 51 7.53 19.14 -18.66
CA GLY B 51 8.87 18.83 -19.06
C GLY B 51 9.08 17.35 -19.03
N PRO B 52 10.34 16.94 -19.19
CA PRO B 52 10.64 15.52 -19.29
C PRO B 52 10.24 14.71 -18.08
N TRP B 53 10.21 15.34 -16.89
CA TRP B 53 9.93 14.62 -15.65
C TRP B 53 8.51 14.06 -15.62
N ASP B 54 7.64 14.55 -16.48
CA ASP B 54 6.28 14.01 -16.55
C ASP B 54 6.25 12.55 -17.03
N SER B 55 7.32 12.06 -17.68
CA SER B 55 7.40 10.64 -18.07
C SER B 55 7.93 9.76 -16.96
N VAL B 56 8.28 10.35 -15.82
CA VAL B 56 8.98 9.64 -14.76
C VAL B 56 8.23 9.75 -13.44
N ALA B 57 7.89 10.97 -13.04
CA ALA B 57 7.29 11.18 -11.74
C ALA B 57 6.36 12.39 -11.79
N ARG B 58 5.17 12.24 -11.22
CA ARG B 58 4.17 13.30 -11.24
C ARG B 58 3.59 13.50 -9.86
N VAL B 59 3.16 14.72 -9.61
CA VAL B 59 2.50 15.02 -8.33
C VAL B 59 0.99 14.80 -8.49
N LEU B 60 0.43 13.96 -7.62
CA LEU B 60 -0.98 13.60 -7.70
C LEU B 60 -1.87 14.71 -7.13
N PRO B 61 -3.18 14.69 -7.46
CA PRO B 61 -4.09 15.69 -6.87
C PRO B 61 -3.99 15.82 -5.36
N ASN B 62 -3.71 14.74 -4.63
CA ASN B 62 -3.56 14.82 -3.18
C ASN B 62 -2.16 15.20 -2.75
N GLY B 63 -1.30 15.61 -3.70
CA GLY B 63 0.06 16.02 -3.36
C GLY B 63 1.08 14.90 -3.23
N SER B 64 0.67 13.64 -3.32
CA SER B 64 1.63 12.55 -3.32
C SER B 64 2.45 12.58 -4.62
N LEU B 65 3.66 12.07 -4.53
CA LEU B 65 4.51 11.87 -5.69
C LEU B 65 4.34 10.44 -6.18
N PHE B 66 4.12 10.27 -7.48
CA PHE B 66 3.83 8.96 -8.05
C PHE B 66 4.87 8.61 -9.11
N LEU B 67 5.44 7.41 -9.03
CA LEU B 67 6.37 6.92 -10.07
C LEU B 67 5.77 5.65 -10.65
N PRO B 68 5.30 5.69 -11.90
CA PRO B 68 4.65 4.50 -12.49
C PRO B 68 5.49 3.23 -12.47
N ALA B 69 6.77 3.31 -12.79
CA ALA B 69 7.66 2.15 -12.79
C ALA B 69 9.02 2.55 -12.26
N VAL B 70 9.31 2.14 -11.03
CA VAL B 70 10.59 2.44 -10.41
C VAL B 70 11.70 1.71 -11.14
N GLY B 71 12.82 2.43 -11.38
CA GLY B 71 14.04 1.83 -11.93
C GLY B 71 15.25 2.06 -11.05
N ILE B 72 16.36 1.43 -11.45
CA ILE B 72 17.58 1.50 -10.63
C ILE B 72 17.98 2.95 -10.35
N GLN B 73 17.79 3.86 -11.33
CA GLN B 73 18.17 5.26 -11.23
C GLN B 73 17.29 6.08 -10.30
N ASP B 74 16.22 5.52 -9.75
CA ASP B 74 15.38 6.28 -8.82
C ASP B 74 15.80 6.11 -7.37
N GLU B 75 16.86 5.32 -7.09
CA GLU B 75 17.44 5.30 -5.75
C GLU B 75 17.90 6.68 -5.31
N GLY B 76 17.61 7.02 -4.06
CA GLY B 76 18.06 8.33 -3.53
C GLY B 76 17.10 8.82 -2.45
N ILE B 77 16.90 10.13 -2.43
CA ILE B 77 16.18 10.81 -1.36
C ILE B 77 15.04 11.60 -1.98
N PHE B 78 13.86 11.49 -1.38
CA PHE B 78 12.65 12.18 -1.85
C PHE B 78 12.09 12.95 -0.68
N ARG B 79 11.89 14.24 -0.87
CA ARG B 79 11.52 15.12 0.22
C ARG B 79 10.29 15.93 -0.16
N CYS B 80 9.39 16.10 0.79
CA CYS B 80 8.25 16.97 0.57
C CYS B 80 8.17 17.99 1.67
N GLN B 81 7.69 19.16 1.32
CA GLN B 81 7.42 20.22 2.28
C GLN B 81 6.09 20.84 1.92
N ALA B 82 5.22 21.00 2.92
CA ALA B 82 3.89 21.52 2.63
C ALA B 82 3.43 22.48 3.71
N MET B 83 2.49 23.35 3.33
CA MET B 83 1.74 24.17 4.27
C MET B 83 0.29 23.74 4.19
N ASN B 84 -0.34 23.52 5.35
CA ASN B 84 -1.78 23.26 5.40
C ASN B 84 -2.57 24.59 5.43
N ARG B 85 -3.91 24.48 5.55
CA ARG B 85 -4.76 25.66 5.70
C ARG B 85 -4.51 26.39 7.02
N ASN B 86 -4.30 25.64 8.12
CA ASN B 86 -3.93 26.27 9.39
C ASN B 86 -2.70 27.18 9.22
N GLY B 87 -1.64 26.66 8.58
CA GLY B 87 -0.47 27.46 8.29
C GLY B 87 0.85 26.78 8.63
N LYS B 88 0.75 25.60 9.24
CA LYS B 88 1.94 24.87 9.66
C LYS B 88 2.65 24.28 8.45
N GLU B 89 3.97 24.30 8.50
CA GLU B 89 4.81 23.62 7.52
C GLU B 89 5.03 22.18 7.99
N THR B 90 4.85 21.24 7.09
CA THR B 90 5.15 19.85 7.38
C THR B 90 6.16 19.34 6.37
N LYS B 91 7.09 18.54 6.86
CA LYS B 91 8.15 17.98 6.03
C LYS B 91 8.04 16.46 6.00
N SER B 92 8.34 15.87 4.85
CA SER B 92 8.35 14.42 4.71
C SER B 92 9.64 14.02 4.02
N ASN B 93 10.29 13.02 4.55
CA ASN B 93 11.62 12.70 4.13
C ASN B 93 11.73 11.20 3.92
N TYR B 94 12.11 10.80 2.71
CA TYR B 94 12.17 9.39 2.35
C TYR B 94 13.53 9.01 1.73
N ARG B 95 14.09 7.90 2.19
CA ARG B 95 15.27 7.28 1.60
C ARG B 95 14.82 6.03 0.83
N VAL B 96 14.82 6.11 -0.50
CA VAL B 96 14.30 5.06 -1.37
C VAL B 96 15.44 4.19 -1.88
N ARG B 97 15.36 2.88 -1.63
CA ARG B 97 16.27 1.89 -2.16
C ARG B 97 15.44 0.94 -2.99
N VAL B 98 15.97 0.54 -4.15
CA VAL B 98 15.21 -0.29 -5.08
C VAL B 98 15.79 -1.68 -5.08
N TYR B 99 14.99 -2.63 -5.53
CA TYR B 99 15.40 -4.01 -5.46
C TYR B 99 14.69 -4.80 -6.55
N GLN B 100 15.24 -5.96 -6.89
CA GLN B 100 14.53 -6.90 -7.74
C GLN B 100 14.80 -8.31 -7.25
N ILE B 101 13.76 -9.13 -7.22
CA ILE B 101 13.92 -10.52 -6.81
C ILE B 101 14.33 -11.35 -8.02
N PRO B 102 15.40 -12.14 -7.94
CA PRO B 102 15.78 -12.96 -9.08
C PRO B 102 14.83 -14.13 -9.16
N GLY B 103 14.91 -14.84 -10.28
CA GLY B 103 14.18 -16.09 -10.39
C GLY B 103 14.76 -17.13 -9.42
N LYS B 104 14.03 -18.22 -9.26
CA LYS B 104 14.45 -19.29 -8.37
C LYS B 104 15.87 -19.73 -8.72
N PRO B 105 16.75 -19.87 -7.73
CA PRO B 105 18.10 -20.37 -8.04
C PRO B 105 18.05 -21.80 -8.53
N GLU B 106 19.04 -22.17 -9.34
CA GLU B 106 19.12 -23.46 -9.99
C GLU B 106 20.52 -24.03 -9.84
N ILE B 107 20.59 -25.33 -9.55
CA ILE B 107 21.83 -26.08 -9.61
C ILE B 107 22.02 -26.54 -11.05
N VAL B 108 23.14 -26.16 -11.64
CA VAL B 108 23.53 -26.68 -12.95
C VAL B 108 24.79 -27.53 -12.76
N ASP B 109 25.07 -28.40 -13.71
CA ASP B 109 26.28 -29.23 -13.70
C ASP B 109 26.63 -29.77 -12.30
N SER B 110 25.71 -30.53 -11.68
CA SER B 110 26.02 -31.15 -10.38
C SER B 110 26.71 -32.49 -10.57
N ALA B 111 27.57 -32.86 -9.62
CA ALA B 111 28.17 -34.19 -9.63
C ALA B 111 27.22 -35.20 -8.98
N SER B 112 27.16 -36.40 -9.57
CA SER B 112 26.39 -37.50 -9.03
C SER B 112 27.20 -38.38 -8.09
N GLU B 113 28.52 -38.24 -8.08
CA GLU B 113 29.40 -39.18 -7.38
C GLU B 113 30.57 -38.39 -6.82
N LEU B 114 30.71 -38.38 -5.49
CA LEU B 114 31.85 -37.78 -4.79
C LEU B 114 32.70 -38.89 -4.18
N THR B 115 33.98 -38.61 -4.05
CA THR B 115 34.94 -39.51 -3.43
C THR B 115 35.44 -38.85 -2.15
N ALA B 116 35.18 -39.48 -1.00
CA ALA B 116 35.57 -38.90 0.28
C ALA B 116 37.10 -38.86 0.38
N GLY B 117 37.61 -37.81 1.03
CA GLY B 117 39.04 -37.66 1.26
C GLY B 117 39.78 -36.77 0.26
N VAL B 118 39.20 -36.51 -0.90
CA VAL B 118 39.79 -35.61 -1.89
C VAL B 118 38.80 -34.50 -2.16
N PRO B 119 39.27 -33.37 -2.70
CA PRO B 119 38.33 -32.30 -3.09
C PRO B 119 37.48 -32.71 -4.29
N ASN B 120 36.18 -32.39 -4.24
CA ASN B 120 35.22 -32.78 -5.26
C ASN B 120 34.44 -31.55 -5.72
N LYS B 121 34.28 -31.39 -7.02
CA LYS B 121 33.36 -30.37 -7.54
C LYS B 121 31.93 -30.85 -7.33
N VAL B 122 31.19 -30.19 -6.44
CA VAL B 122 29.83 -30.64 -6.13
C VAL B 122 28.86 -30.14 -7.18
N GLY B 123 28.92 -28.85 -7.47
CA GLY B 123 27.99 -28.31 -8.45
C GLY B 123 28.19 -26.83 -8.62
N THR B 124 27.31 -26.26 -9.45
CA THR B 124 27.30 -24.85 -9.81
C THR B 124 25.88 -24.36 -9.66
N CYS B 125 25.71 -23.26 -8.94
CA CYS B 125 24.41 -22.69 -8.68
C CYS B 125 24.31 -21.31 -9.33
N VAL B 126 23.15 -21.04 -9.95
CA VAL B 126 22.92 -19.85 -10.75
C VAL B 126 21.62 -19.16 -10.34
N SER B 127 21.71 -17.85 -10.11
CA SER B 127 20.61 -16.95 -9.86
C SER B 127 20.61 -15.84 -10.91
N GLU B 128 19.45 -15.52 -11.48
CA GLU B 128 19.38 -14.52 -12.54
C GLU B 128 18.41 -13.43 -12.17
N GLY B 129 18.87 -12.20 -12.22
CA GLY B 129 17.98 -11.08 -12.23
C GLY B 129 17.75 -10.39 -10.92
N SER B 130 18.74 -10.30 -10.07
CA SER B 130 18.56 -9.62 -8.79
C SER B 130 19.08 -8.18 -8.83
N TYR B 131 18.52 -7.36 -7.95
CA TYR B 131 19.12 -6.10 -7.71
C TYR B 131 18.89 -5.82 -6.23
N PRO B 132 19.94 -5.45 -5.47
CA PRO B 132 21.39 -5.50 -5.67
C PRO B 132 21.79 -6.93 -5.87
N ALA B 133 23.07 -7.19 -6.09
CA ALA B 133 23.53 -8.53 -6.48
C ALA B 133 23.01 -9.60 -5.53
N GLY B 134 23.25 -9.43 -4.24
CA GLY B 134 22.96 -10.49 -3.33
C GLY B 134 24.10 -11.47 -3.41
N THR B 135 23.92 -12.60 -2.76
CA THR B 135 24.94 -13.64 -2.71
C THR B 135 24.27 -15.00 -2.69
N LEU B 136 24.98 -15.99 -3.20
CA LEU B 136 24.57 -17.39 -3.16
C LEU B 136 25.29 -18.09 -2.02
N SER B 137 24.58 -18.99 -1.36
CA SER B 137 25.10 -19.78 -0.26
C SER B 137 24.79 -21.26 -0.45
N TRP B 138 25.64 -22.11 0.09
CA TRP B 138 25.44 -23.55 -0.04
C TRP B 138 25.06 -24.15 1.31
N HIS B 139 24.32 -25.25 1.23
CA HIS B 139 23.80 -25.92 2.42
C HIS B 139 24.04 -27.43 2.32
N LEU B 140 24.37 -28.04 3.47
CA LEU B 140 24.57 -29.49 3.59
C LEU B 140 23.61 -30.04 4.64
N ASP B 141 22.63 -30.82 4.19
CA ASP B 141 21.59 -31.44 5.03
C ASP B 141 20.67 -30.41 5.68
N GLY B 142 20.72 -29.16 5.21
CA GLY B 142 19.99 -28.06 5.79
C GLY B 142 20.88 -27.10 6.57
N LYS B 143 22.01 -27.59 7.11
CA LYS B 143 22.99 -26.79 7.83
C LYS B 143 23.81 -25.97 6.83
N PRO B 144 24.12 -24.70 7.13
CA PRO B 144 24.87 -23.88 6.17
C PRO B 144 26.31 -24.37 6.05
N LEU B 145 26.81 -24.34 4.82
CA LEU B 145 28.18 -24.71 4.47
C LEU B 145 29.05 -23.46 4.45
N VAL B 146 30.06 -23.42 5.30
CA VAL B 146 30.90 -22.23 5.46
C VAL B 146 32.16 -22.38 4.62
N PRO B 147 32.51 -21.39 3.79
CA PRO B 147 33.75 -21.48 3.00
C PRO B 147 34.98 -21.35 3.88
N ASN B 148 36.10 -21.82 3.34
CA ASN B 148 37.38 -21.79 4.04
C ASN B 148 37.25 -22.48 5.39
N GLU B 149 37.00 -23.78 5.31
CA GLU B 149 36.81 -24.58 6.51
C GLU B 149 37.27 -25.99 6.22
N LYS B 150 36.36 -26.94 6.43
CA LYS B 150 36.64 -28.38 6.26
C LYS B 150 36.64 -28.75 4.78
N GLY B 151 37.72 -28.37 4.09
CA GLY B 151 37.82 -28.67 2.67
C GLY B 151 36.67 -28.08 1.86
N VAL B 152 35.99 -27.08 2.41
CA VAL B 152 34.91 -26.39 1.74
C VAL B 152 35.52 -25.18 1.06
N SER B 153 35.39 -25.13 -0.26
CA SER B 153 35.83 -24.02 -1.10
C SER B 153 34.64 -23.57 -1.94
N VAL B 154 34.42 -22.28 -2.00
CA VAL B 154 33.41 -21.66 -2.85
C VAL B 154 34.10 -20.60 -3.70
N LYS B 155 33.79 -20.60 -5.00
CA LYS B 155 34.20 -19.52 -5.88
C LYS B 155 32.94 -18.91 -6.45
N GLU B 156 32.95 -17.58 -6.65
CA GLU B 156 31.75 -16.90 -7.10
C GLU B 156 32.05 -15.92 -8.23
N GLN B 157 31.00 -15.63 -8.97
CA GLN B 157 31.06 -14.80 -10.16
C GLN B 157 29.77 -14.01 -10.25
N THR B 158 29.91 -12.71 -10.50
CA THR B 158 28.84 -11.75 -10.69
C THR B 158 28.90 -11.16 -12.07
N ARG B 159 27.77 -11.16 -12.78
CA ARG B 159 27.65 -10.56 -14.11
C ARG B 159 26.46 -9.61 -14.13
N ARG B 160 26.54 -8.59 -14.95
CA ARG B 160 25.51 -7.56 -15.00
C ARG B 160 24.87 -7.66 -16.37
N HIS B 161 23.55 -7.63 -16.41
CA HIS B 161 22.85 -7.60 -17.70
C HIS B 161 23.19 -6.28 -18.39
N PRO B 162 23.60 -6.29 -19.66
CA PRO B 162 24.12 -5.05 -20.26
C PRO B 162 23.07 -3.93 -20.40
N GLU B 163 21.77 -4.23 -20.39
CA GLU B 163 20.74 -3.19 -20.50
C GLU B 163 19.89 -3.00 -19.24
N THR B 164 19.49 -4.06 -18.54
CA THR B 164 18.64 -3.87 -17.36
C THR B 164 19.43 -3.56 -16.10
N GLY B 165 20.74 -3.84 -16.07
CA GLY B 165 21.51 -3.61 -14.86
C GLY B 165 21.33 -4.68 -13.80
N LEU B 166 20.55 -5.72 -14.06
CA LEU B 166 20.26 -6.75 -13.08
C LEU B 166 21.38 -7.78 -13.04
N PHE B 167 21.61 -8.37 -11.87
CA PHE B 167 22.78 -9.22 -11.67
C PHE B 167 22.43 -10.69 -11.85
N THR B 168 23.37 -11.43 -12.42
CA THR B 168 23.33 -12.89 -12.49
C THR B 168 24.50 -13.44 -11.69
N LEU B 169 24.21 -14.36 -10.77
CA LEU B 169 25.23 -14.87 -9.89
C LEU B 169 25.49 -16.32 -10.21
N GLN B 170 26.76 -16.71 -10.08
CA GLN B 170 27.18 -18.08 -10.31
C GLN B 170 28.13 -18.45 -9.17
N SER B 171 27.85 -19.58 -8.55
CA SER B 171 28.62 -20.08 -7.42
C SER B 171 29.05 -21.53 -7.65
N GLU B 172 30.33 -21.83 -7.45
CA GLU B 172 30.86 -23.19 -7.57
C GLU B 172 31.27 -23.71 -6.20
N LEU B 173 30.79 -24.89 -5.83
CA LEU B 173 31.05 -25.46 -4.52
C LEU B 173 31.99 -26.65 -4.68
N MET B 174 33.04 -26.65 -3.87
CA MET B 174 33.98 -27.77 -3.81
C MET B 174 34.06 -28.25 -2.37
N VAL B 175 33.82 -29.54 -2.15
CA VAL B 175 33.95 -30.10 -0.81
C VAL B 175 34.98 -31.21 -0.83
N THR B 176 35.61 -31.42 0.32
CA THR B 176 36.40 -32.61 0.60
C THR B 176 35.60 -33.45 1.60
N PRO B 177 34.87 -34.48 1.16
CA PRO B 177 34.00 -35.20 2.08
C PRO B 177 34.82 -36.06 3.03
N ALA B 178 34.27 -36.28 4.20
CA ALA B 178 34.97 -36.96 5.27
C ALA B 178 34.75 -38.47 5.20
N ARG B 179 35.84 -39.23 5.32
CA ARG B 179 35.73 -40.68 5.35
C ARG B 179 34.90 -41.10 6.55
N GLY B 180 33.87 -41.92 6.31
CA GLY B 180 32.98 -42.33 7.39
C GLY B 180 31.76 -41.47 7.60
N GLY B 181 31.42 -40.59 6.64
CA GLY B 181 30.30 -39.69 6.76
C GLY B 181 29.04 -40.21 6.07
N ASP B 182 28.03 -39.33 6.00
CA ASP B 182 26.80 -39.63 5.25
C ASP B 182 27.17 -39.99 3.82
N PRO B 183 26.96 -41.24 3.40
CA PRO B 183 27.29 -41.61 2.02
C PRO B 183 26.27 -41.13 1.00
N ARG B 184 25.18 -40.51 1.45
CA ARG B 184 24.23 -39.86 0.57
C ARG B 184 23.90 -38.48 1.12
N PRO B 185 24.84 -37.53 1.05
CA PRO B 185 24.59 -36.19 1.57
C PRO B 185 23.67 -35.42 0.66
N THR B 186 23.09 -34.37 1.23
CA THR B 186 22.15 -33.52 0.53
C THR B 186 22.69 -32.10 0.48
N PHE B 187 22.91 -31.57 -0.73
CA PHE B 187 23.39 -30.20 -0.92
C PHE B 187 22.30 -29.36 -1.56
N SER B 188 22.09 -28.14 -1.04
CA SER B 188 21.19 -27.19 -1.67
C SER B 188 21.91 -25.85 -1.84
N CYS B 189 21.30 -24.97 -2.63
CA CYS B 189 21.82 -23.64 -2.80
C CYS B 189 20.71 -22.63 -2.56
N SER B 190 21.04 -21.54 -1.89
CA SER B 190 20.05 -20.53 -1.54
C SER B 190 20.57 -19.15 -1.93
N PHE B 191 19.66 -18.29 -2.34
CA PHE B 191 19.93 -16.88 -2.61
C PHE B 191 19.43 -16.05 -1.44
N SER B 192 20.26 -15.12 -0.95
CA SER B 192 19.90 -14.16 0.10
C SER B 192 20.04 -12.73 -0.41
N PRO B 193 19.00 -11.89 -0.29
CA PRO B 193 19.04 -10.48 -0.70
C PRO B 193 19.94 -9.65 0.18
N HIS B 198 13.44 -9.53 3.48
CA HIS B 198 13.20 -10.41 2.34
C HIS B 198 13.58 -11.87 2.64
N ARG B 199 12.76 -12.82 2.19
CA ARG B 199 13.00 -14.23 2.48
C ARG B 199 14.14 -14.75 1.61
N ALA B 200 14.52 -16.00 1.85
CA ALA B 200 15.55 -16.67 1.05
C ALA B 200 14.91 -17.61 0.03
N LEU B 201 15.52 -17.71 -1.15
CA LEU B 201 15.11 -18.62 -2.22
C LEU B 201 16.10 -19.77 -2.25
N ARG B 202 15.59 -21.02 -2.10
CA ARG B 202 16.38 -22.24 -2.03
C ARG B 202 16.18 -23.10 -3.28
N THR B 203 17.21 -23.86 -3.66
CA THR B 203 17.10 -24.72 -4.83
C THR B 203 16.49 -26.06 -4.48
N ALA B 204 16.21 -26.83 -5.52
CA ALA B 204 15.99 -28.25 -5.33
C ALA B 204 17.29 -28.88 -4.84
N PRO B 205 17.26 -29.69 -3.79
CA PRO B 205 18.49 -30.33 -3.31
C PRO B 205 19.05 -31.35 -4.28
N ILE B 206 20.37 -31.49 -4.26
CA ILE B 206 21.07 -32.55 -4.98
C ILE B 206 21.64 -33.54 -3.98
N GLN B 207 21.53 -34.83 -4.28
CA GLN B 207 21.89 -35.89 -3.37
C GLN B 207 22.88 -36.82 -4.04
N PRO B 208 24.17 -36.44 -4.10
CA PRO B 208 25.16 -37.33 -4.71
C PRO B 208 25.44 -38.54 -3.84
N ARG B 209 26.32 -39.43 -4.33
CA ARG B 209 26.73 -40.62 -3.61
C ARG B 209 28.20 -40.45 -3.28
N VAL B 210 28.58 -40.83 -2.06
CA VAL B 210 29.95 -40.67 -1.59
C VAL B 210 30.55 -42.05 -1.36
N TRP B 211 31.68 -42.30 -2.03
CA TRP B 211 32.56 -43.44 -1.77
C TRP B 211 33.35 -43.19 -0.49
N GLU B 212 32.98 -43.88 0.59
CA GLU B 212 33.81 -43.86 1.80
C GLU B 212 34.81 -45.00 1.64
C10 Y6P C . -12.40 -10.94 -17.46
N12 Y6P C . -11.19 -9.27 -18.22
C15 Y6P C . -15.13 -12.54 -18.12
C01 Y6P C . -12.05 -11.81 -12.73
C02 Y6P C . -11.94 -11.44 -14.18
C03 Y6P C . -13.07 -11.91 -15.15
C04 Y6P C . -14.12 -12.68 -14.64
C05 Y6P C . -14.25 -13.10 -13.15
C06 Y6P C . -13.18 -12.64 -12.20
C07 Y6P C . -13.26 -11.75 -16.49
C08 Y6P C . -14.45 -12.40 -16.78
C11 Y6P C . -11.81 -9.73 -17.13
C14 Y6P C . -12.17 -11.19 -18.80
C18 Y6P C . -15.45 -13.95 -12.73
N09 Y6P C . -14.95 -12.97 -15.67
N13 Y6P C . -11.41 -10.20 -19.26
O16 Y6P C . -15.42 -13.69 -18.51
O17 Y6P C . -15.41 -11.50 -18.79
C10 Y6P D . -15.42 5.81 -24.19
N12 Y6P D . -16.48 4.26 -23.02
C15 Y6P D . -16.47 8.35 -25.88
C01 Y6P D . -11.13 4.90 -26.16
C02 Y6P D . -12.45 5.03 -25.42
C03 Y6P D . -13.44 6.17 -25.82
C04 Y6P D . -13.13 7.05 -26.86
C05 Y6P D . -11.77 6.93 -27.64
C06 Y6P D . -10.79 5.85 -27.27
C07 Y6P D . -14.67 6.52 -25.33
C08 Y6P D . -15.13 7.62 -26.06
C11 Y6P D . -15.86 4.50 -24.18
C14 Y6P D . -15.80 6.35 -22.99
C18 Y6P D . -11.47 7.94 -28.77
N09 Y6P D . -14.17 7.93 -26.99
N13 Y6P D . -16.44 5.43 -22.26
O16 Y6P D . -16.92 9.06 -26.84
O17 Y6P D . -17.13 8.26 -24.80
C ACT E . -19.20 -13.26 -13.52
O ACT E . -19.50 -12.78 -12.37
OXT ACT E . -18.87 -12.63 -14.58
CH3 ACT E . -19.23 -14.84 -13.67
C ACT F . -18.37 -9.29 -8.90
O ACT F . -19.49 -8.73 -9.07
OXT ACT F . -17.85 -10.28 -9.52
CH3 ACT F . -17.51 -8.67 -7.72
C10 Y6P G . -3.21 10.46 -15.21
N12 Y6P G . -4.37 8.62 -15.03
C15 Y6P G . -3.46 12.82 -17.75
C01 Y6P G . -1.09 12.82 -11.91
C02 Y6P G . -1.79 11.92 -12.89
C03 Y6P G . -2.16 12.50 -14.29
C04 Y6P G . -1.86 13.82 -14.63
C05 Y6P G . -1.12 14.77 -13.60
C06 Y6P G . -0.77 14.23 -12.25
C07 Y6P G . -2.79 11.91 -15.34
C08 Y6P G . -2.88 12.87 -16.35
C11 Y6P G . -4.47 9.94 -15.25
C14 Y6P G . -2.33 9.44 -14.93
C18 Y6P G . -0.77 16.22 -13.95
N09 Y6P G . -2.31 14.04 -15.91
N13 Y6P G . -3.02 8.30 -14.83
O16 Y6P G . -2.70 12.48 -18.69
O17 Y6P G . -4.66 13.18 -17.95
C10 Y6P H . 12.32 20.53 1.78
N12 Y6P H . 11.31 21.75 0.27
C15 Y6P H . 15.03 21.88 2.75
C01 Y6P H . 12.05 16.77 4.83
C02 Y6P H . 11.90 17.87 3.81
C03 Y6P H . 13.04 18.95 3.73
C04 Y6P H . 14.13 18.87 4.62
C05 Y6P H . 14.27 17.75 5.69
C06 Y6P H . 13.21 16.68 5.77
C07 Y6P H . 13.20 20.05 2.94
C08 Y6P H . 14.40 20.63 3.34
C11 Y6P H . 12.08 21.82 1.37
C14 Y6P H . 11.73 19.68 0.87
C18 Y6P H . 15.48 17.74 6.61
N09 Y6P H . 14.95 19.91 4.36
N13 Y6P H . 11.09 20.40 -0.05
O16 Y6P H . 15.53 21.82 1.60
O17 Y6P H . 15.02 22.95 3.43
C10 Y6P I . 1.80 6.57 -17.58
N12 Y6P I . 1.00 4.83 -16.59
C15 Y6P I . 2.63 9.06 -15.45
C01 Y6P I . 3.39 8.13 -21.80
C02 Y6P I . 2.83 7.52 -20.53
C03 Y6P I . 2.92 8.24 -19.13
C04 Y6P I . 3.53 9.47 -19.05
C05 Y6P I . 4.12 10.13 -20.37
C06 Y6P I . 4.04 9.45 -21.71
C07 Y6P I . 2.49 7.89 -17.86
C08 Y6P I . 2.84 8.91 -16.97
C11 Y6P I . 1.66 5.97 -16.37
C14 Y6P I . 1.22 5.77 -18.54
C18 Y6P I . 4.78 11.50 -20.33
N09 Y6P I . 3.46 9.86 -17.73
N13 Y6P I . 0.72 4.70 -17.95
O16 Y6P I . 3.63 9.31 -14.70
O17 Y6P I . 1.46 8.99 -14.97
C10 Y6P J . 11.03 21.62 -17.81
N12 Y6P J . 9.80 22.40 -19.42
C15 Y6P J . 10.98 20.93 -14.60
C01 Y6P J . 15.30 19.64 -19.23
C02 Y6P J . 13.95 20.32 -19.01
C03 Y6P J . 13.29 20.35 -17.57
C04 Y6P J . 13.97 19.76 -16.53
C05 Y6P J . 15.37 19.04 -16.71
C06 Y6P J . 16.02 19.00 -18.09
C07 Y6P J . 12.11 20.86 -17.05
C08 Y6P J . 12.07 20.59 -15.66
C11 Y6P J . 10.87 21.65 -19.17
C14 Y6P J . 10.03 22.38 -17.25
C18 Y6P J . 15.99 18.43 -15.44
N09 Y6P J . 13.22 19.90 -15.38
N13 Y6P J . 9.26 22.86 -18.21
O16 Y6P J . 10.37 20.04 -13.90
O17 Y6P J . 10.68 22.14 -14.38
CL CL K . 29.29 -8.18 -16.35
C ACT L . 19.19 18.25 5.67
O ACT L . 18.80 18.83 4.62
OXT ACT L . 19.55 17.03 5.80
CH3 ACT L . 19.25 19.17 6.96
C ACT M . 19.99 14.61 2.64
O ACT M . 20.63 14.96 3.70
OXT ACT M . 18.92 14.01 2.51
CH3 ACT M . 20.60 14.99 1.25
C ACT N . 18.14 11.96 4.52
O ACT N . 17.44 11.09 5.03
OXT ACT N . 19.12 11.83 3.74
CH3 ACT N . 17.73 13.38 4.90
#